data_9J8U
#
_entry.id   9J8U
#
_cell.length_a   78.260
_cell.length_b   78.260
_cell.length_c   294.272
_cell.angle_alpha   90.000
_cell.angle_beta   90.000
_cell.angle_gamma   120.000
#
_symmetry.space_group_name_H-M   'P 61 2 2'
#
loop_
_entity.id
_entity.type
_entity.pdbx_description
1 polymer '3C-like proteinase nsp5'
2 polymer DTY-VAL-THR-PHE-HIS-ALO-2TL-2TL-PRO-PHE-LEU-DPR-PRO-CCJ-GLY-NH2
3 water water
#
loop_
_entity_poly.entity_id
_entity_poly.type
_entity_poly.pdbx_seq_one_letter_code
_entity_poly.pdbx_strand_id
1 'polypeptide(L)'
;SGFRKMAFPSGKVEGCMVQVTCGTTTLNGLWLDDVVYCPRHVICTSEDMLNPNYEDLLIRKSNHNFLVQAGNVQLRVIGH
SMQNCVLKLKVDTANPKTPKYKFVRIQPGQTFSVLACYNGSPSGVYQCAMRPNFTIKGSFLNGSCGSVGFNIDYDCVSFC
YMHHMELPTGVHAGTDLEGNFYGPFVDRQTAQAAGTDTTITVNVLAWLYAAVINGDRWFLNRFTTTLNDFNLVAMKYNYE
PLTQDHVDILGPLSAQTGIAVLDMCASLKELLQNGMNGRTILGSALLEDEFTPFDVVRQCSGVTFQ
;
A
2 'polypeptide(L)' (DTY)VTFH(ALO)(2TL)(2TL)PFL(DPR)P(CCJ)G(NH2) C
#
loop_
_chem_comp.id
_chem_comp.type
_chem_comp.name
_chem_comp.formula
NH2 non-polymer 'AMINO GROUP' 'H2 N'
#
# COMPACT_ATOMS: atom_id res chain seq x y z
N SER A 1 -1.38 -4.83 -26.91
CA SER A 1 -2.30 -5.74 -26.24
C SER A 1 -1.58 -6.39 -25.04
N GLY A 2 -2.35 -7.02 -24.16
CA GLY A 2 -1.79 -7.66 -22.99
C GLY A 2 -2.22 -6.99 -21.70
N PHE A 3 -1.94 -7.67 -20.60
CA PHE A 3 -2.29 -7.17 -19.29
C PHE A 3 -1.28 -7.69 -18.28
N ARG A 4 -0.77 -6.83 -17.41
CA ARG A 4 0.25 -7.24 -16.44
C ARG A 4 0.17 -6.38 -15.18
N LYS A 5 0.63 -6.93 -14.05
CA LYS A 5 0.74 -6.14 -12.82
C LYS A 5 1.76 -5.04 -13.05
N MET A 6 1.32 -3.80 -13.19
CA MET A 6 2.20 -2.76 -13.70
C MET A 6 2.33 -1.67 -12.65
N ALA A 7 3.56 -1.37 -12.24
CA ALA A 7 3.78 -0.29 -11.29
C ALA A 7 4.05 1.02 -11.99
N PHE A 8 3.78 2.11 -11.28
CA PHE A 8 4.20 3.43 -11.75
C PHE A 8 5.72 3.46 -11.84
N PRO A 9 6.29 4.30 -12.70
CA PRO A 9 7.74 4.45 -12.72
C PRO A 9 8.22 5.04 -11.39
N SER A 10 9.37 4.55 -10.91
CA SER A 10 9.79 4.83 -9.54
C SER A 10 10.83 5.95 -9.43
N GLY A 11 11.27 6.53 -10.54
CA GLY A 11 12.44 7.40 -10.50
C GLY A 11 12.27 8.63 -9.61
N LYS A 12 11.09 9.26 -9.67
CA LYS A 12 10.86 10.45 -8.84
C LYS A 12 11.03 10.15 -7.35
N VAL A 13 10.67 8.93 -6.91
CA VAL A 13 10.74 8.57 -5.50
C VAL A 13 12.12 8.04 -5.11
N GLU A 14 12.83 7.37 -6.04
CA GLU A 14 14.15 6.84 -5.71
C GLU A 14 15.07 7.93 -5.19
N GLY A 15 14.99 9.12 -5.78
CA GLY A 15 15.80 10.23 -5.34
C GLY A 15 15.37 10.87 -4.04
N CYS A 16 14.36 10.35 -3.36
CA CYS A 16 13.98 10.86 -2.04
C CYS A 16 14.29 9.88 -0.92
N MET A 17 14.86 8.71 -1.22
CA MET A 17 15.06 7.68 -0.20
C MET A 17 16.41 7.84 0.48
N VAL A 18 16.39 8.06 1.79
CA VAL A 18 17.61 8.17 2.58
C VAL A 18 17.63 7.07 3.63
N GLN A 19 18.78 6.94 4.30
CA GLN A 19 18.94 6.05 5.43
C GLN A 19 18.94 6.84 6.73
N VAL A 20 18.26 6.31 7.75
CA VAL A 20 18.14 6.98 9.04
C VAL A 20 18.49 5.99 10.12
N THR A 21 19.52 6.30 10.90
CA THR A 21 19.94 5.46 12.03
C THR A 21 19.84 6.22 13.34
N CYS A 22 19.31 5.55 14.36
CA CYS A 22 19.18 6.09 15.72
C CYS A 22 19.80 5.05 16.67
N GLY A 23 21.12 5.17 16.88
CA GLY A 23 21.85 4.26 17.72
C GLY A 23 22.10 2.91 17.07
N THR A 24 21.29 1.94 17.45
CA THR A 24 21.35 0.61 16.86
C THR A 24 20.34 0.42 15.75
N THR A 25 19.19 1.10 15.87
CA THR A 25 18.06 0.93 14.96
C THR A 25 18.27 1.68 13.66
N THR A 26 18.03 0.99 12.54
CA THR A 26 18.13 1.58 11.21
C THR A 26 16.88 1.28 10.36
N LEU A 27 16.43 2.27 9.60
CA LEU A 27 15.38 2.07 8.62
C LEU A 27 15.48 3.19 7.58
N ASN A 28 14.54 3.20 6.62
CA ASN A 28 14.53 4.19 5.54
C ASN A 28 13.75 5.43 5.94
N GLY A 29 14.06 6.53 5.26
CA GLY A 29 13.32 7.77 5.44
C GLY A 29 13.01 8.38 4.09
N LEU A 30 11.95 9.20 4.05
CA LEU A 30 11.57 9.95 2.85
C LEU A 30 12.06 11.39 3.02
N TRP A 31 12.91 11.83 2.07
CA TRP A 31 13.58 13.14 2.14
C TRP A 31 12.94 14.09 1.13
N LEU A 32 12.06 14.98 1.61
CA LEU A 32 11.31 15.92 0.79
C LEU A 32 11.60 17.34 1.26
N ASP A 33 12.18 18.14 0.36
CA ASP A 33 12.64 19.50 0.70
C ASP A 33 13.68 19.36 1.82
N ASP A 34 13.46 19.96 2.98
CA ASP A 34 14.41 19.93 4.08
C ASP A 34 13.85 19.16 5.27
N VAL A 35 12.96 18.20 5.01
CA VAL A 35 12.43 17.31 6.04
C VAL A 35 12.61 15.86 5.61
N VAL A 36 12.93 15.00 6.58
CA VAL A 36 12.99 13.55 6.40
C VAL A 36 11.91 12.92 7.28
N TYR A 37 11.09 12.06 6.68
CA TYR A 37 9.94 11.44 7.35
C TYR A 37 10.23 9.97 7.54
N CYS A 38 10.07 9.47 8.76
CA CYS A 38 10.34 8.05 8.96
C CYS A 38 9.46 7.51 10.08
N PRO A 39 9.35 6.18 10.20
CA PRO A 39 8.59 5.61 11.32
C PRO A 39 9.24 5.96 12.64
N ARG A 40 8.44 6.43 13.58
CA ARG A 40 8.98 6.88 14.86
C ARG A 40 9.52 5.75 15.73
N HIS A 41 9.27 4.47 15.40
CA HIS A 41 9.90 3.46 16.25
C HIS A 41 11.39 3.34 16.01
N VAL A 42 11.98 4.13 15.11
CA VAL A 42 13.43 4.13 14.97
C VAL A 42 14.10 4.62 16.25
N ILE A 43 13.39 5.39 17.09
CA ILE A 43 14.00 5.89 18.32
C ILE A 43 13.92 4.88 19.45
N CYS A 44 13.31 3.73 19.22
CA CYS A 44 13.16 2.72 20.25
C CYS A 44 14.31 1.72 20.22
N THR A 45 14.25 0.82 21.19
CA THR A 45 15.02 -0.40 21.20
C THR A 45 14.06 -1.55 21.40
N SER A 46 14.55 -2.76 21.12
CA SER A 46 13.69 -3.93 21.21
C SER A 46 12.99 -4.01 22.57
N GLU A 47 13.72 -3.77 23.67
CA GLU A 47 13.08 -3.84 24.99
C GLU A 47 11.94 -2.84 25.11
N ASP A 48 12.07 -1.70 24.44
CA ASP A 48 11.06 -0.66 24.60
C ASP A 48 9.72 -1.09 24.03
N MET A 49 9.75 -1.89 22.96
CA MET A 49 8.58 -2.07 22.11
C MET A 49 7.38 -2.65 22.85
N LEU A 50 7.58 -3.29 24.01
CA LEU A 50 6.48 -3.90 24.73
C LEU A 50 5.40 -2.89 25.06
N ASN A 51 5.77 -1.85 25.80
CA ASN A 51 4.87 -0.73 26.05
C ASN A 51 5.82 0.46 26.04
N PRO A 52 5.92 1.14 24.89
CA PRO A 52 6.88 2.24 24.75
C PRO A 52 6.23 3.60 24.95
N ASN A 53 6.90 4.52 25.66
CA ASN A 53 6.37 5.88 25.79
C ASN A 53 7.16 6.76 24.84
N TYR A 54 6.59 7.01 23.66
CA TYR A 54 7.32 7.73 22.64
C TYR A 54 7.54 9.18 23.02
N GLU A 55 6.67 9.72 23.88
CA GLU A 55 6.78 11.12 24.26
C GLU A 55 8.07 11.40 25.02
N ASP A 56 8.37 10.58 26.03
CA ASP A 56 9.62 10.77 26.76
C ASP A 56 10.80 10.43 25.89
N LEU A 57 10.74 9.26 25.23
CA LEU A 57 11.86 8.82 24.41
C LEU A 57 12.33 9.93 23.49
N LEU A 58 11.39 10.69 22.91
CA LEU A 58 11.77 11.77 22.02
C LEU A 58 12.43 12.92 22.77
N ILE A 59 12.02 13.16 24.01
CA ILE A 59 12.62 14.23 24.80
C ILE A 59 14.11 13.93 25.02
N ARG A 60 14.41 12.70 25.42
CA ARG A 60 15.79 12.31 25.71
C ARG A 60 16.65 12.21 24.46
N LYS A 61 16.04 12.07 23.29
CA LYS A 61 16.82 12.16 22.08
C LYS A 61 17.20 13.62 21.82
N SER A 62 18.28 13.80 21.09
CA SER A 62 18.83 15.08 20.68
C SER A 62 19.13 14.98 19.19
N ASN A 63 19.34 16.10 18.52
CA ASN A 63 19.59 16.03 17.07
C ASN A 63 20.73 15.09 16.73
N HIS A 64 21.78 15.04 17.55
CA HIS A 64 22.93 14.19 17.26
C HIS A 64 22.63 12.70 17.41
N ASN A 65 21.49 12.36 17.98
CA ASN A 65 21.13 10.95 18.11
C ASN A 65 20.64 10.35 16.80
N PHE A 66 20.65 11.13 15.71
CA PHE A 66 20.09 10.75 14.41
C PHE A 66 21.16 10.91 13.35
N LEU A 67 21.48 9.83 12.67
CA LEU A 67 22.44 9.81 11.57
C LEU A 67 21.67 9.59 10.26
N VAL A 68 21.60 10.60 9.40
CA VAL A 68 20.89 10.52 8.13
C VAL A 68 21.90 10.52 6.99
N GLN A 69 21.82 9.53 6.10
CA GLN A 69 22.73 9.38 4.98
C GLN A 69 21.93 9.26 3.70
N ALA A 70 22.25 10.10 2.73
CA ALA A 70 21.63 10.09 1.40
C ALA A 70 22.76 9.77 0.45
N GLY A 71 22.90 8.52 0.07
CA GLY A 71 24.08 8.14 -0.68
C GLY A 71 25.29 8.09 0.25
N ASN A 72 26.43 8.55 -0.23
CA ASN A 72 27.57 8.67 0.67
C ASN A 72 27.48 9.92 1.53
N VAL A 73 26.63 10.86 1.15
CA VAL A 73 26.60 12.20 1.72
C VAL A 73 25.77 12.19 3.00
N GLN A 74 26.37 12.62 4.11
CA GLN A 74 25.66 12.72 5.36
C GLN A 74 24.82 14.00 5.39
N LEU A 75 23.65 13.92 6.00
CA LEU A 75 22.81 15.10 6.22
C LEU A 75 22.73 15.38 7.72
N ARG A 76 22.79 16.66 8.09
CA ARG A 76 22.84 17.06 9.49
C ARG A 76 21.42 17.32 9.98
N VAL A 77 21.05 16.68 11.09
CA VAL A 77 19.74 16.91 11.67
C VAL A 77 19.81 18.12 12.59
N ILE A 78 19.03 19.15 12.28
CA ILE A 78 18.95 20.38 13.04
C ILE A 78 17.63 20.57 13.75
N GLY A 79 16.67 19.67 13.57
CA GLY A 79 15.47 19.67 14.39
C GLY A 79 14.76 18.34 14.30
N HIS A 80 13.92 18.07 15.30
CA HIS A 80 13.11 16.85 15.29
C HIS A 80 11.78 17.09 15.97
N SER A 81 10.71 16.57 15.36
CA SER A 81 9.38 16.57 15.94
C SER A 81 8.65 15.30 15.52
N MET A 82 7.49 15.07 16.11
CA MET A 82 6.74 13.83 15.91
C MET A 82 5.30 14.15 15.54
N GLN A 83 4.82 13.56 14.47
CA GLN A 83 3.42 13.71 14.04
C GLN A 83 2.80 12.32 13.99
N ASN A 84 2.05 11.98 15.03
CA ASN A 84 1.37 10.69 15.10
C ASN A 84 2.49 9.65 15.11
N CYS A 85 2.40 8.58 14.33
CA CYS A 85 3.44 7.57 14.36
C CYS A 85 4.62 7.88 13.45
N VAL A 86 4.69 9.09 12.90
CA VAL A 86 5.75 9.46 11.97
C VAL A 86 6.65 10.50 12.61
N LEU A 87 7.97 10.29 12.48
CA LEU A 87 8.95 11.25 12.94
C LEU A 87 9.40 12.14 11.79
N LYS A 88 9.48 13.44 12.04
CA LYS A 88 9.92 14.43 11.07
C LYS A 88 11.26 15.01 11.51
N LEU A 89 12.31 14.76 10.72
CA LEU A 89 13.65 15.25 11.03
C LEU A 89 13.99 16.40 10.10
N LYS A 90 14.23 17.56 10.68
CA LYS A 90 14.61 18.73 9.90
C LYS A 90 16.09 18.65 9.55
N VAL A 91 16.44 18.87 8.30
CA VAL A 91 17.84 18.81 7.92
C VAL A 91 18.29 20.11 7.27
N ASP A 92 19.60 20.27 7.14
CA ASP A 92 20.17 21.55 6.72
C ASP A 92 19.99 21.76 5.22
N THR A 93 20.09 20.69 4.45
CA THR A 93 20.00 20.74 2.99
C THR A 93 18.58 20.42 2.54
N ALA A 94 18.05 21.19 1.61
CA ALA A 94 16.81 20.81 0.96
C ALA A 94 17.09 19.82 -0.17
N ASN A 95 16.24 18.79 -0.29
CA ASN A 95 16.47 17.75 -1.30
C ASN A 95 16.35 18.35 -2.70
N PRO A 96 17.45 18.41 -3.45
CA PRO A 96 17.39 18.95 -4.82
C PRO A 96 16.47 18.17 -5.73
N LYS A 97 16.26 16.88 -5.50
CA LYS A 97 15.42 16.07 -6.37
C LYS A 97 13.97 15.98 -5.84
N THR A 98 13.59 16.84 -4.90
CA THR A 98 12.20 16.84 -4.42
C THR A 98 11.27 16.99 -5.62
N PRO A 99 10.33 16.09 -5.81
CA PRO A 99 9.37 16.24 -6.91
C PRO A 99 8.15 16.97 -6.39
N LYS A 100 7.26 17.32 -7.32
CA LYS A 100 5.95 17.81 -6.92
C LYS A 100 5.22 16.69 -6.22
N TYR A 101 4.75 16.96 -5.00
CA TYR A 101 4.21 15.86 -4.21
C TYR A 101 3.05 16.34 -3.36
N LYS A 102 2.32 15.38 -2.81
CA LYS A 102 1.22 15.66 -1.91
C LYS A 102 0.93 14.39 -1.11
N PHE A 103 0.47 14.57 0.12
CA PHE A 103 0.20 13.45 1.04
C PHE A 103 -1.29 13.14 1.00
N VAL A 104 -1.65 11.98 0.46
CA VAL A 104 -3.05 11.56 0.40
C VAL A 104 -3.23 10.33 1.27
N ARG A 105 -4.42 10.18 1.83
CA ARG A 105 -4.82 8.95 2.50
C ARG A 105 -5.75 8.19 1.57
N ILE A 106 -5.44 6.91 1.31
CA ILE A 106 -6.20 6.18 0.31
C ILE A 106 -7.31 5.38 0.98
N GLN A 107 -8.39 5.14 0.20
CA GLN A 107 -9.49 4.31 0.62
C GLN A 107 -9.11 2.85 0.47
N PRO A 108 -9.70 1.96 1.26
CA PRO A 108 -9.47 0.53 1.04
C PRO A 108 -10.00 0.14 -0.32
N GLY A 109 -9.22 -0.67 -1.04
CA GLY A 109 -9.53 -1.05 -2.38
C GLY A 109 -8.73 -0.32 -3.43
N GLN A 110 -8.17 0.86 -3.10
CA GLN A 110 -7.33 1.57 -4.06
C GLN A 110 -5.93 0.95 -4.07
N THR A 111 -5.28 1.00 -5.23
CA THR A 111 -3.94 0.46 -5.39
C THR A 111 -2.89 1.57 -5.37
N PHE A 112 -1.66 1.17 -5.06
CA PHE A 112 -0.50 2.05 -5.14
C PHE A 112 0.72 1.21 -5.49
N SER A 113 1.79 1.90 -5.89
CA SER A 113 3.06 1.25 -6.12
C SER A 113 3.92 1.39 -4.87
N VAL A 114 4.69 0.34 -4.57
CA VAL A 114 5.57 0.30 -3.41
C VAL A 114 7.00 0.25 -3.91
N LEU A 115 7.83 1.18 -3.44
CA LEU A 115 9.27 1.12 -3.69
C LEU A 115 9.93 0.53 -2.45
N ALA A 116 10.26 -0.76 -2.51
CA ALA A 116 10.90 -1.42 -1.38
C ALA A 116 12.36 -1.00 -1.29
N CYS A 117 12.77 -0.54 -0.10
CA CYS A 117 14.12 -0.03 0.11
C CYS A 117 14.78 -0.66 1.31
N TYR A 118 16.11 -0.74 1.25
CA TYR A 118 16.95 -1.26 2.32
C TYR A 118 18.14 -0.32 2.51
N ASN A 119 18.40 0.05 3.77
CA ASN A 119 19.45 1.02 4.10
C ASN A 119 19.43 2.23 3.18
N GLY A 120 18.22 2.70 2.86
CA GLY A 120 18.03 3.86 2.02
C GLY A 120 18.28 3.63 0.55
N SER A 121 18.59 2.39 0.13
CA SER A 121 18.81 2.08 -1.28
CA SER A 121 18.79 2.12 -1.28
C SER A 121 17.61 1.34 -1.85
N PRO A 122 17.05 1.78 -2.97
CA PRO A 122 15.91 1.04 -3.55
C PRO A 122 16.34 -0.31 -4.11
N SER A 123 15.46 -1.30 -3.92
CA SER A 123 15.69 -2.66 -4.39
CA SER A 123 15.68 -2.67 -4.37
C SER A 123 14.66 -3.15 -5.40
N GLY A 124 13.45 -2.61 -5.40
CA GLY A 124 12.44 -3.06 -6.35
C GLY A 124 11.14 -2.33 -6.14
N VAL A 125 10.28 -2.43 -7.15
CA VAL A 125 9.02 -1.70 -7.17
C VAL A 125 7.94 -2.68 -7.63
N TYR A 126 6.83 -2.74 -6.89
CA TYR A 126 5.69 -3.59 -7.21
C TYR A 126 4.38 -2.88 -6.84
N GLN A 127 3.27 -3.45 -7.33
CA GLN A 127 1.94 -2.91 -7.07
C GLN A 127 1.26 -3.63 -5.89
N CYS A 128 0.41 -2.89 -5.18
CA CYS A 128 -0.24 -3.32 -3.94
C CYS A 128 -1.62 -2.71 -3.86
N ALA A 129 -2.50 -3.37 -3.12
CA ALA A 129 -3.83 -2.84 -2.88
C ALA A 129 -4.07 -2.77 -1.39
N MET A 130 -4.77 -1.72 -0.97
CA MET A 130 -5.24 -1.58 0.41
C MET A 130 -6.40 -2.53 0.61
N ARG A 131 -6.15 -3.69 1.24
CA ARG A 131 -7.22 -4.65 1.47
C ARG A 131 -8.35 -3.99 2.30
N PRO A 132 -9.56 -4.54 2.24
CA PRO A 132 -10.67 -3.99 3.05
C PRO A 132 -10.45 -4.02 4.56
N ASN A 133 -9.55 -4.86 5.07
CA ASN A 133 -9.23 -4.84 6.49
C ASN A 133 -8.04 -3.96 6.81
N PHE A 134 -7.69 -3.04 5.91
CA PHE A 134 -6.61 -2.05 6.13
C PHE A 134 -5.24 -2.71 6.34
N THR A 135 -4.98 -3.79 5.61
CA THR A 135 -3.65 -4.38 5.53
C THR A 135 -3.26 -4.50 4.06
N ILE A 136 -1.96 -4.66 3.81
CA ILE A 136 -1.53 -4.86 2.43
C ILE A 136 -0.71 -6.13 2.38
N LYS A 137 -0.80 -6.80 1.24
CA LYS A 137 -0.09 -8.04 1.02
C LYS A 137 1.17 -7.64 0.27
N GLY A 138 2.12 -7.10 1.03
CA GLY A 138 3.36 -6.59 0.48
C GLY A 138 4.43 -7.65 0.42
N SER A 139 5.65 -7.20 0.12
CA SER A 139 6.82 -8.06 0.14
C SER A 139 7.91 -7.22 0.77
N PHE A 140 8.19 -7.50 2.05
CA PHE A 140 9.08 -6.69 2.85
C PHE A 140 9.98 -7.58 3.70
N LEU A 141 11.26 -7.24 3.77
CA LEU A 141 12.22 -7.93 4.62
C LEU A 141 12.68 -7.00 5.75
N ASN A 142 13.49 -7.54 6.66
CA ASN A 142 14.07 -6.74 7.73
C ASN A 142 14.88 -5.58 7.12
N GLY A 143 14.61 -4.36 7.57
CA GLY A 143 15.28 -3.19 7.03
C GLY A 143 14.46 -2.40 6.03
N SER A 144 13.25 -2.84 5.71
CA SER A 144 12.41 -2.16 4.74
C SER A 144 11.48 -1.14 5.37
N CYS A 145 11.40 -1.10 6.71
CA CYS A 145 10.60 -0.06 7.37
C CYS A 145 10.94 1.29 6.78
N GLY A 146 9.93 2.06 6.47
CA GLY A 146 10.16 3.34 5.86
C GLY A 146 10.06 3.35 4.36
N SER A 147 9.92 2.19 3.74
CA SER A 147 9.57 2.18 2.34
C SER A 147 8.20 2.86 2.20
N VAL A 148 7.92 3.38 1.00
CA VAL A 148 6.68 4.13 0.81
C VAL A 148 5.89 3.61 -0.38
N GLY A 149 4.58 3.91 -0.36
CA GLY A 149 3.69 3.66 -1.47
C GLY A 149 3.22 4.98 -2.08
N PHE A 150 3.00 4.98 -3.39
CA PHE A 150 2.64 6.23 -4.05
C PHE A 150 1.82 5.93 -5.30
N ASN A 151 1.16 6.97 -5.81
CA ASN A 151 0.63 6.99 -7.16
C ASN A 151 1.13 8.27 -7.81
N ILE A 152 1.15 8.29 -9.15
CA ILE A 152 1.54 9.49 -9.88
C ILE A 152 0.34 10.00 -10.65
N ASP A 153 -0.01 11.27 -10.42
CA ASP A 153 -1.18 11.83 -11.07
C ASP A 153 -0.77 12.50 -12.36
N ASP A 155 2.39 14.94 -13.08
CA ASP A 155 3.77 14.64 -12.71
C ASP A 155 3.92 14.78 -11.21
N CYS A 156 2.79 14.83 -10.51
CA CYS A 156 2.75 15.00 -9.07
C CYS A 156 2.68 13.63 -8.42
N VAL A 157 3.54 13.40 -7.42
CA VAL A 157 3.59 12.14 -6.71
C VAL A 157 2.65 12.20 -5.50
N SER A 158 1.76 11.22 -5.38
CA SER A 158 0.86 11.11 -4.24
C SER A 158 1.38 10.02 -3.31
N PHE A 159 2.11 10.41 -2.27
CA PHE A 159 2.51 9.46 -1.24
C PHE A 159 1.31 9.09 -0.38
N CYS A 160 1.13 7.80 -0.12
CA CYS A 160 -0.05 7.36 0.62
C CYS A 160 0.22 6.23 1.61
N TYR A 161 1.44 5.67 1.66
CA TYR A 161 1.70 4.57 2.56
C TYR A 161 3.16 4.62 3.00
N MET A 162 3.39 4.34 4.27
CA MET A 162 4.73 4.16 4.81
C MET A 162 4.72 2.94 5.71
N HIS A 163 5.66 2.02 5.45
CA HIS A 163 5.63 0.70 6.05
C HIS A 163 6.12 0.69 7.51
N HIS A 164 5.40 -0.01 8.40
CA HIS A 164 5.79 -0.13 9.80
C HIS A 164 5.99 -1.57 10.24
N MET A 165 5.00 -2.46 10.13
CA MET A 165 5.16 -3.77 10.74
C MET A 165 4.57 -4.89 9.88
N GLU A 166 4.87 -6.12 10.27
CA GLU A 166 4.30 -7.32 9.66
C GLU A 166 3.42 -8.01 10.68
N LEU A 167 2.15 -8.21 10.34
CA LEU A 167 1.19 -8.90 11.19
C LEU A 167 1.49 -10.39 11.16
N PRO A 168 0.94 -11.14 12.13
CA PRO A 168 1.32 -12.57 12.22
C PRO A 168 0.97 -13.39 10.98
N THR A 169 -0.08 -13.00 10.23
CA THR A 169 -0.49 -13.75 9.04
C THR A 169 0.41 -13.55 7.81
N GLY A 170 1.59 -12.91 7.95
CA GLY A 170 2.44 -12.61 6.80
C GLY A 170 2.03 -11.40 6.01
N VAL A 171 1.23 -10.53 6.61
CA VAL A 171 0.56 -9.40 5.96
C VAL A 171 1.01 -8.13 6.69
N HIS A 172 0.96 -6.98 6.00
CA HIS A 172 1.65 -5.80 6.54
C HIS A 172 0.70 -4.66 6.90
N ALA A 173 1.20 -3.78 7.76
CA ALA A 173 0.46 -2.63 8.25
C ALA A 173 1.39 -1.42 8.25
N GLY A 174 0.80 -0.25 8.05
CA GLY A 174 1.57 0.97 7.96
C GLY A 174 0.67 2.17 8.14
N THR A 175 1.22 3.35 7.83
CA THR A 175 0.56 4.62 8.09
C THR A 175 0.51 5.45 6.80
N ASP A 176 -0.20 6.59 6.86
CA ASP A 176 -0.05 7.58 5.81
C ASP A 176 1.11 8.50 6.20
N LEU A 177 1.48 9.42 5.31
CA LEU A 177 2.59 10.30 5.62
C LEU A 177 2.22 11.37 6.67
N GLU A 178 1.02 11.32 7.23
CA GLU A 178 0.68 12.11 8.39
C GLU A 178 0.73 11.31 9.68
N GLY A 179 1.22 10.07 9.60
CA GLY A 179 1.49 9.28 10.78
C GLY A 179 0.35 8.45 11.32
N ASN A 180 -0.83 8.50 10.70
CA ASN A 180 -1.99 7.77 11.23
C ASN A 180 -2.05 6.38 10.60
N PHE A 181 -2.22 5.37 11.42
CA PHE A 181 -2.24 4.01 10.90
C PHE A 181 -3.48 3.76 10.05
N TYR A 182 -3.28 3.08 8.94
CA TYR A 182 -4.41 2.47 8.24
C TYR A 182 -4.92 1.35 9.13
N GLY A 183 -6.17 1.47 9.55
CA GLY A 183 -6.80 0.43 10.32
C GLY A 183 -6.61 0.69 11.80
N PRO A 184 -6.73 -0.37 12.57
CA PRO A 184 -6.67 -0.27 14.03
C PRO A 184 -5.30 -0.57 14.63
N PHE A 185 -4.22 -0.43 13.87
CA PHE A 185 -2.96 -0.98 14.36
C PHE A 185 -2.11 0.06 15.05
N VAL A 186 -1.15 -0.43 15.84
CA VAL A 186 -0.36 0.37 16.77
C VAL A 186 1.11 -0.03 16.69
N ASP A 187 2.01 0.96 16.72
CA ASP A 187 3.45 0.66 16.68
C ASP A 187 3.95 0.35 18.09
N ARG A 188 3.34 -0.68 18.67
N ARG A 188 3.36 -0.69 18.66
CA ARG A 188 3.80 -1.21 19.94
CA ARG A 188 3.68 -1.22 19.97
C ARG A 188 3.58 -2.72 19.93
C ARG A 188 3.57 -2.73 19.90
N GLN A 189 4.35 -3.42 20.73
CA GLN A 189 4.31 -4.88 20.73
C GLN A 189 3.13 -5.31 21.58
N THR A 190 2.08 -5.75 20.90
CA THR A 190 0.84 -6.19 21.54
C THR A 190 0.09 -7.03 20.51
N ALA A 191 -0.90 -7.77 21.00
CA ALA A 191 -1.64 -8.68 20.12
C ALA A 191 -2.52 -7.90 19.17
N GLN A 192 -2.25 -8.06 17.88
CA GLN A 192 -2.93 -7.31 16.83
C GLN A 192 -3.38 -8.28 15.77
N ALA A 193 -4.69 -8.35 15.57
CA ALA A 193 -5.26 -9.25 14.59
C ALA A 193 -5.55 -8.49 13.32
N ALA A 194 -5.32 -9.14 12.19
CA ALA A 194 -5.87 -8.66 10.95
C ALA A 194 -7.29 -9.21 10.85
N GLY A 195 -8.24 -8.34 10.54
CA GLY A 195 -9.64 -8.74 10.43
C GLY A 195 -9.88 -9.78 9.33
N THR A 196 -11.14 -10.20 9.23
CA THR A 196 -11.50 -11.07 8.11
C THR A 196 -11.60 -10.22 6.87
N ASP A 197 -11.01 -10.69 5.77
CA ASP A 197 -10.96 -9.87 4.58
C ASP A 197 -12.15 -10.18 3.66
N THR A 198 -12.36 -9.31 2.68
CA THR A 198 -13.34 -9.55 1.64
C THR A 198 -12.72 -9.22 0.29
N THR A 199 -13.40 -9.63 -0.76
CA THR A 199 -12.95 -9.35 -2.12
C THR A 199 -13.48 -8.01 -2.58
N ILE A 200 -12.63 -7.25 -3.27
CA ILE A 200 -12.96 -5.93 -3.78
C ILE A 200 -13.74 -6.09 -5.08
N THR A 201 -15.07 -5.98 -5.00
CA THR A 201 -15.92 -6.25 -6.16
C THR A 201 -15.58 -5.34 -7.33
N VAL A 202 -15.58 -4.01 -7.13
CA VAL A 202 -15.36 -3.12 -8.26
C VAL A 202 -14.09 -3.50 -9.01
N ASN A 203 -13.05 -3.95 -8.28
CA ASN A 203 -11.80 -4.33 -8.93
C ASN A 203 -11.95 -5.61 -9.75
N VAL A 204 -12.66 -6.63 -9.24
CA VAL A 204 -12.88 -7.84 -10.04
C VAL A 204 -13.62 -7.49 -11.32
N LEU A 205 -14.62 -6.61 -11.22
CA LEU A 205 -15.29 -6.13 -12.41
C LEU A 205 -14.31 -5.47 -13.35
N ALA A 206 -13.56 -4.47 -12.87
CA ALA A 206 -12.62 -3.77 -13.73
C ALA A 206 -11.72 -4.77 -14.44
N TRP A 207 -11.31 -5.82 -13.72
CA TRP A 207 -10.45 -6.85 -14.30
C TRP A 207 -11.17 -7.56 -15.44
N LEU A 208 -12.44 -7.94 -15.24
CA LEU A 208 -13.20 -8.61 -16.28
C LEU A 208 -13.32 -7.74 -17.54
N TYR A 209 -13.50 -6.41 -17.36
CA TYR A 209 -13.46 -5.50 -18.49
C TYR A 209 -12.14 -5.61 -19.23
N ALA A 210 -11.04 -5.58 -18.47
CA ALA A 210 -9.71 -5.72 -19.04
C ALA A 210 -9.61 -7.01 -19.84
N ALA A 211 -10.19 -8.08 -19.33
CA ALA A 211 -10.22 -9.33 -20.07
C ALA A 211 -10.96 -9.16 -21.40
N VAL A 212 -12.14 -8.54 -21.36
CA VAL A 212 -12.92 -8.36 -22.58
C VAL A 212 -12.12 -7.56 -23.61
N ILE A 213 -11.59 -6.40 -23.19
CA ILE A 213 -10.71 -5.60 -24.04
C ILE A 213 -9.60 -6.43 -24.67
N ASN A 214 -9.15 -7.49 -24.00
CA ASN A 214 -8.04 -8.30 -24.50
C ASN A 214 -8.50 -9.55 -25.24
N GLY A 215 -9.79 -9.68 -25.50
CA GLY A 215 -10.30 -10.76 -26.31
C GLY A 215 -10.77 -11.99 -25.56
N ASP A 216 -10.71 -11.99 -24.24
CA ASP A 216 -11.11 -13.14 -23.43
C ASP A 216 -12.53 -12.90 -22.94
N ARG A 217 -13.53 -13.49 -23.64
CA ARG A 217 -14.92 -13.15 -23.34
C ARG A 217 -15.83 -14.37 -23.13
N TRP A 218 -15.26 -15.58 -22.93
CA TRP A 218 -16.10 -16.77 -22.78
C TRP A 218 -17.17 -16.61 -21.70
N PHE A 219 -16.83 -15.92 -20.60
CA PHE A 219 -17.67 -15.72 -19.42
C PHE A 219 -18.82 -14.72 -19.61
N LEU A 220 -18.85 -14.00 -20.73
CA LEU A 220 -20.00 -13.14 -21.01
C LEU A 220 -21.24 -13.99 -21.21
N ASN A 221 -22.33 -13.60 -20.53
CA ASN A 221 -23.63 -14.27 -20.59
C ASN A 221 -24.68 -13.30 -21.13
N ARG A 222 -25.91 -13.82 -21.32
CA ARG A 222 -27.01 -13.01 -21.83
C ARG A 222 -27.87 -12.38 -20.74
N PHE A 223 -27.70 -12.76 -19.48
CA PHE A 223 -28.62 -12.31 -18.45
C PHE A 223 -28.23 -10.91 -17.98
N THR A 224 -29.03 -10.37 -17.08
CA THR A 224 -28.70 -9.11 -16.42
C THR A 224 -29.17 -9.25 -14.98
N THR A 225 -28.94 -8.21 -14.20
CA THR A 225 -29.31 -8.21 -12.79
C THR A 225 -29.51 -6.78 -12.33
N THR A 226 -30.12 -6.66 -11.17
CA THR A 226 -30.26 -5.39 -10.48
C THR A 226 -29.05 -5.25 -9.58
N LEU A 227 -28.63 -4.00 -9.35
CA LEU A 227 -27.59 -3.77 -8.35
C LEU A 227 -27.94 -4.43 -7.01
N ASN A 228 -29.19 -4.34 -6.54
CA ASN A 228 -29.55 -4.93 -5.25
C ASN A 228 -29.50 -6.46 -5.26
N ASP A 229 -30.00 -7.09 -6.33
CA ASP A 229 -29.96 -8.54 -6.39
C ASP A 229 -28.53 -9.04 -6.57
N PHE A 230 -27.68 -8.26 -7.25
CA PHE A 230 -26.26 -8.62 -7.35
C PHE A 230 -25.59 -8.56 -5.98
N ASN A 231 -25.80 -7.47 -5.25
CA ASN A 231 -25.22 -7.36 -3.92
C ASN A 231 -25.68 -8.49 -2.99
N LEU A 232 -26.91 -8.97 -3.15
CA LEU A 232 -27.38 -10.09 -2.33
C LEU A 232 -26.56 -11.35 -2.61
N VAL A 233 -26.20 -11.60 -3.86
CA VAL A 233 -25.37 -12.76 -4.14
C VAL A 233 -23.92 -12.49 -3.73
N ALA A 234 -23.41 -11.30 -4.06
CA ALA A 234 -22.02 -10.95 -3.77
C ALA A 234 -21.68 -11.13 -2.29
N MET A 235 -22.48 -10.51 -1.41
CA MET A 235 -22.16 -10.58 0.01
C MET A 235 -22.08 -12.02 0.52
N LYS A 236 -22.89 -12.92 -0.04
CA LYS A 236 -22.82 -14.32 0.35
C LYS A 236 -21.43 -14.93 0.10
N TYR A 237 -20.67 -14.42 -0.87
CA TYR A 237 -19.34 -14.93 -1.17
C TYR A 237 -18.23 -14.08 -0.57
N ASN A 238 -18.53 -13.31 0.47
CA ASN A 238 -17.57 -12.39 1.06
C ASN A 238 -16.98 -11.49 -0.01
N TYR A 239 -17.87 -10.86 -0.77
CA TYR A 239 -17.55 -9.80 -1.70
C TYR A 239 -18.03 -8.49 -1.12
N GLU A 240 -17.25 -7.44 -1.36
CA GLU A 240 -17.65 -6.11 -0.94
C GLU A 240 -18.88 -5.67 -1.74
N PRO A 241 -19.82 -4.97 -1.10
CA PRO A 241 -21.01 -4.52 -1.84
C PRO A 241 -20.64 -3.42 -2.85
N LEU A 242 -21.08 -3.63 -4.09
CA LEU A 242 -20.84 -2.66 -5.16
C LEU A 242 -21.72 -1.42 -4.98
N THR A 243 -21.10 -0.24 -4.96
CA THR A 243 -21.82 1.00 -4.69
C THR A 243 -22.06 1.79 -5.97
N GLN A 244 -22.97 2.75 -5.86
CA GLN A 244 -23.23 3.66 -6.97
C GLN A 244 -21.96 4.37 -7.40
N ASP A 245 -21.12 4.77 -6.44
CA ASP A 245 -19.85 5.40 -6.77
C ASP A 245 -18.90 4.43 -7.49
N HIS A 246 -18.98 3.13 -7.17
CA HIS A 246 -18.23 2.17 -7.94
C HIS A 246 -18.74 2.11 -9.36
N VAL A 247 -20.07 2.20 -9.51
CA VAL A 247 -20.68 2.09 -10.84
C VAL A 247 -20.18 3.21 -11.75
N ASP A 248 -20.21 4.46 -11.26
CA ASP A 248 -19.71 5.58 -12.06
C ASP A 248 -18.26 5.35 -12.49
N ILE A 249 -17.42 4.86 -11.58
CA ILE A 249 -15.99 4.74 -11.84
C ILE A 249 -15.71 3.73 -12.94
N LEU A 250 -16.51 2.66 -13.03
CA LEU A 250 -16.40 1.71 -14.14
C LEU A 250 -16.83 2.34 -15.47
N GLY A 251 -17.30 3.59 -15.47
CA GLY A 251 -17.82 4.24 -16.65
C GLY A 251 -16.95 4.14 -17.88
N PRO A 252 -15.70 4.57 -17.78
CA PRO A 252 -14.81 4.44 -18.95
C PRO A 252 -14.72 3.02 -19.48
N LEU A 253 -14.68 2.02 -18.61
CA LEU A 253 -14.56 0.66 -19.11
C LEU A 253 -15.84 0.20 -19.81
N SER A 254 -17.01 0.56 -19.26
CA SER A 254 -18.26 0.20 -19.93
C SER A 254 -18.39 0.93 -21.26
N ALA A 255 -17.98 2.20 -21.31
CA ALA A 255 -18.04 2.95 -22.57
C ALA A 255 -17.15 2.32 -23.63
N GLN A 256 -15.91 1.96 -23.26
CA GLN A 256 -14.98 1.40 -24.24
C GLN A 256 -15.45 0.06 -24.78
N THR A 257 -15.99 -0.79 -23.91
CA THR A 257 -16.42 -2.13 -24.32
C THR A 257 -17.84 -2.16 -24.84
N GLY A 258 -18.65 -1.17 -24.50
CA GLY A 258 -20.06 -1.24 -24.81
C GLY A 258 -20.89 -2.05 -23.84
N ILE A 259 -20.27 -2.69 -22.85
CA ILE A 259 -20.97 -3.56 -21.92
C ILE A 259 -21.33 -2.76 -20.67
N ALA A 260 -22.63 -2.67 -20.37
CA ALA A 260 -23.02 -1.89 -19.22
C ALA A 260 -22.64 -2.61 -17.94
N VAL A 261 -22.61 -1.85 -16.85
CA VAL A 261 -22.09 -2.39 -15.58
C VAL A 261 -22.94 -3.55 -15.10
N LEU A 262 -24.28 -3.42 -15.19
CA LEU A 262 -25.14 -4.51 -14.70
C LEU A 262 -25.04 -5.72 -15.62
N ASP A 263 -24.73 -5.52 -16.90
CA ASP A 263 -24.40 -6.65 -17.78
C ASP A 263 -23.23 -7.45 -17.23
N MET A 264 -22.20 -6.76 -16.75
CA MET A 264 -21.03 -7.45 -16.25
C MET A 264 -21.31 -8.08 -14.90
N CYS A 265 -22.04 -7.36 -14.03
CA CYS A 265 -22.44 -7.96 -12.76
C CYS A 265 -23.13 -9.30 -12.98
N ALA A 266 -23.97 -9.41 -14.02
CA ALA A 266 -24.61 -10.68 -14.33
C ALA A 266 -23.58 -11.74 -14.73
N SER A 267 -22.62 -11.39 -15.58
CA SER A 267 -21.59 -12.35 -15.97
C SER A 267 -20.78 -12.80 -14.75
N LEU A 268 -20.55 -11.89 -13.80
CA LEU A 268 -19.79 -12.22 -12.60
C LEU A 268 -20.58 -13.15 -11.69
N LYS A 269 -21.86 -12.85 -11.48
CA LYS A 269 -22.76 -13.74 -10.74
C LYS A 269 -22.65 -15.18 -11.23
N GLU A 270 -22.62 -15.38 -12.56
CA GLU A 270 -22.42 -16.72 -13.09
C GLU A 270 -21.11 -17.32 -12.57
N LEU A 271 -20.00 -16.59 -12.73
CA LEU A 271 -18.70 -17.11 -12.28
C LEU A 271 -18.72 -17.42 -10.78
N LEU A 272 -19.34 -16.55 -9.99
CA LEU A 272 -19.40 -16.77 -8.55
C LEU A 272 -20.17 -18.05 -8.19
N GLN A 273 -21.17 -18.42 -8.99
CA GLN A 273 -21.98 -19.58 -8.63
C GLN A 273 -21.42 -20.90 -9.19
N ASN A 274 -21.16 -20.96 -10.48
CA ASN A 274 -20.67 -22.18 -11.12
C ASN A 274 -19.14 -22.22 -11.23
N GLY A 275 -18.43 -21.31 -10.58
CA GLY A 275 -16.98 -21.31 -10.69
C GLY A 275 -16.50 -21.01 -12.11
N MET A 276 -15.24 -21.36 -12.38
CA MET A 276 -14.67 -21.16 -13.71
C MET A 276 -14.66 -22.42 -14.56
N ASN A 277 -14.71 -23.60 -13.95
CA ASN A 277 -14.63 -24.88 -14.65
C ASN A 277 -13.24 -25.06 -15.28
N GLY A 278 -12.21 -24.77 -14.49
CA GLY A 278 -10.84 -24.98 -14.93
C GLY A 278 -10.38 -24.16 -16.12
N ARG A 279 -11.05 -23.04 -16.42
CA ARG A 279 -10.62 -22.13 -17.47
C ARG A 279 -9.91 -20.92 -16.87
N THR A 280 -9.20 -20.20 -17.72
CA THR A 280 -8.47 -19.03 -17.27
C THR A 280 -9.05 -17.80 -17.92
N ILE A 281 -9.40 -16.83 -17.09
CA ILE A 281 -9.57 -15.46 -17.52
C ILE A 281 -8.22 -14.77 -17.39
N LEU A 282 -7.70 -14.23 -18.50
CA LEU A 282 -6.38 -13.59 -18.52
C LEU A 282 -5.31 -14.46 -17.85
N GLY A 283 -5.26 -15.74 -18.27
CA GLY A 283 -4.24 -16.66 -17.81
C GLY A 283 -4.25 -16.95 -16.32
N SER A 284 -5.21 -16.40 -15.60
CA SER A 284 -5.32 -16.62 -14.18
C SER A 284 -6.53 -17.52 -13.91
N ALA A 285 -6.37 -18.46 -13.00
CA ALA A 285 -7.45 -19.38 -12.65
C ALA A 285 -8.26 -18.94 -11.44
N LEU A 286 -7.91 -17.83 -10.81
CA LEU A 286 -8.73 -17.23 -9.77
C LEU A 286 -9.21 -15.86 -10.27
N LEU A 287 -10.13 -15.24 -9.54
CA LEU A 287 -10.56 -13.89 -9.91
C LEU A 287 -9.64 -12.86 -9.26
N GLU A 288 -9.23 -11.86 -10.03
CA GLU A 288 -8.28 -10.86 -9.54
C GLU A 288 -8.99 -9.62 -9.04
N ASP A 289 -8.64 -9.18 -7.84
CA ASP A 289 -9.25 -7.99 -7.26
C ASP A 289 -8.22 -6.92 -6.89
N GLU A 290 -7.02 -6.96 -7.45
CA GLU A 290 -6.02 -5.94 -7.15
C GLU A 290 -5.69 -5.06 -8.36
N PHE A 291 -6.68 -4.78 -9.20
CA PHE A 291 -6.59 -3.77 -10.25
C PHE A 291 -7.77 -2.82 -10.12
N THR A 292 -7.52 -1.54 -9.84
CA THR A 292 -8.62 -0.58 -9.85
C THR A 292 -9.08 -0.30 -11.29
N PRO A 293 -10.31 0.21 -11.47
CA PRO A 293 -10.72 0.63 -12.83
C PRO A 293 -9.76 1.58 -13.48
N PHE A 294 -9.23 2.53 -12.69
CA PHE A 294 -8.19 3.41 -13.20
C PHE A 294 -6.98 2.62 -13.68
N ASP A 295 -6.57 1.62 -12.91
CA ASP A 295 -5.44 0.80 -13.31
C ASP A 295 -5.68 0.17 -14.69
N VAL A 296 -6.89 -0.32 -14.94
CA VAL A 296 -7.19 -0.92 -16.24
C VAL A 296 -7.12 0.11 -17.34
N VAL A 297 -7.63 1.32 -17.07
CA VAL A 297 -7.64 2.36 -18.10
C VAL A 297 -6.21 2.71 -18.52
N ARG A 298 -5.26 2.73 -17.57
CA ARG A 298 -3.86 3.04 -17.89
C ARG A 298 -3.25 2.04 -18.88
N GLN A 299 -3.42 0.75 -18.61
CA GLN A 299 -2.83 -0.28 -19.45
C GLN A 299 -3.59 -0.58 -20.72
N CYS A 300 -4.80 -0.06 -20.88
CA CYS A 300 -5.66 -0.41 -22.01
C CYS A 300 -6.23 0.86 -22.65
N SER A 301 -5.43 1.92 -22.66
CA SER A 301 -5.80 3.28 -23.09
C SER A 301 -5.74 3.45 -24.61
N DTY B 1 3.08 -11.76 18.75
CA DTY B 1 3.33 -10.35 18.56
C DTY B 1 3.38 -10.00 17.08
O DTY B 1 2.81 -10.70 16.24
CB DTY B 1 2.27 -9.50 19.25
CG DTY B 1 2.22 -9.70 20.73
CD1 DTY B 1 1.38 -10.65 21.30
CD2 DTY B 1 3.02 -8.96 21.58
CE1 DTY B 1 1.33 -10.85 22.68
CE2 DTY B 1 2.99 -9.14 22.96
CZ DTY B 1 2.14 -10.09 23.51
OH DTY B 1 2.12 -10.27 24.87
N VAL B 2 4.02 -8.87 16.80
CA VAL B 2 4.20 -8.44 15.43
C VAL B 2 5.71 -8.31 15.17
N THR B 3 6.13 -8.10 13.93
CA THR B 3 7.54 -7.79 13.71
C THR B 3 7.73 -6.42 13.05
N PHE B 4 8.62 -5.60 13.61
CA PHE B 4 8.99 -4.32 13.02
C PHE B 4 10.24 -4.50 12.16
N HIS B 5 10.15 -4.04 10.91
CA HIS B 5 11.16 -4.30 9.90
C HIS B 5 12.24 -3.21 9.88
N ALO B 6 12.69 -2.80 11.07
CA ALO B 6 14.03 -2.24 11.20
CB ALO B 6 14.26 -1.80 12.64
CG2 ALO B 6 13.73 -2.82 13.63
OG1 ALO B 6 13.60 -0.55 12.85
C ALO B 6 15.07 -3.26 10.73
O ALO B 6 14.78 -4.46 10.71
N 2TL B 7 16.25 -2.76 10.32
CA 2TL B 7 17.52 -3.43 10.62
CB 2TL B 7 18.68 -2.77 9.83
OG1 2TL B 7 18.16 -2.14 8.66
CG2 2TL B 7 19.74 -3.75 9.40
C 2TL B 7 17.49 -4.95 10.48
O 2TL B 7 17.22 -5.45 9.39
N 2TL B 8 17.73 -5.68 11.58
CA 2TL B 8 17.67 -5.15 12.93
CB 2TL B 8 18.83 -5.64 13.83
OG1 2TL B 8 20.03 -5.82 13.09
CG2 2TL B 8 18.53 -6.91 14.60
C 2TL B 8 16.31 -5.38 13.59
O 2TL B 8 15.88 -4.58 14.42
N PRO B 9 15.57 -6.48 13.28
CA PRO B 9 14.10 -6.35 13.41
C PRO B 9 13.64 -6.54 14.86
N PHE B 10 12.65 -5.73 15.26
CA PHE B 10 11.93 -5.97 16.51
C PHE B 10 10.96 -7.13 16.39
N LEU B 11 11.19 -8.22 17.14
CA LEU B 11 10.54 -9.49 16.84
C LEU B 11 9.43 -9.82 17.83
N DPR B 12 8.48 -10.72 17.46
CA DPR B 12 8.30 -11.96 18.18
CB DPR B 12 6.84 -12.25 17.82
CG DPR B 12 6.86 -11.95 16.32
CD DPR B 12 7.99 -10.95 16.09
C DPR B 12 8.60 -12.03 19.68
O DPR B 12 9.51 -12.77 20.05
N PRO B 13 7.90 -11.32 20.57
CA PRO B 13 8.25 -11.58 21.97
C PRO B 13 7.67 -12.89 22.54
N CCJ B 14 6.77 -13.56 21.81
CA CCJ B 14 7.13 -14.63 20.89
CB CCJ B 14 5.93 -15.49 20.52
SG CCJ B 14 4.40 -14.74 21.10
CD CCJ B 14 3.73 -13.95 19.60
CE CCJ B 14 3.74 -12.44 19.69
OZ1 CCJ B 14 4.35 -11.86 20.58
C CCJ B 14 8.21 -15.55 21.43
O CCJ B 14 7.89 -16.67 21.80
N GLY B 15 9.47 -15.09 21.42
CA GLY B 15 10.47 -15.52 22.38
C GLY B 15 11.17 -14.40 23.12
N NH2 B 16 11.13 -14.44 24.44
#